data_3LKP
#
_entry.id   3LKP
#
_cell.length_a   51.120
_cell.length_b   82.020
_cell.length_c   110.430
_cell.angle_alpha   90.000
_cell.angle_beta   90.000
_cell.angle_gamma   90.000
#
_symmetry.space_group_name_H-M   'P 21 21 21'
#
loop_
_entity.id
_entity.type
_entity.pdbx_description
1 polymer 'HLA class I histocompatibility antigen, B-35 alpha chain'
2 polymer Beta-2-microglobulin
3 polymer 'NP418 epitope from 1972 influenza strain'
4 water water
#
loop_
_entity_poly.entity_id
_entity_poly.type
_entity_poly.pdbx_seq_one_letter_code
_entity_poly.pdbx_strand_id
1 'polypeptide(L)'
;GSHSMRYFYTAMSRPGRGEPRFIAVGYVDDTQFVRFDSDAASPRTEPRAPWIEQEGPEYWDRNTQIFKTNTQTYRESLRN
LRGYYNQSEAGSHIIQRMYGCDLGPDGRLLRGHDQSAYDGKDYIALNEDLSSWTAADTAAQITQRKWEAARVAEQLRAYL
EGLCVEWLRRYLENGKETLQRADPPKTHVTHHPVSDHEATLRCWALGFYPAEITLTWQRDGEDQTQDTELVETRPAGDRT
FQKWAAVVVPSGEEQRYTCHVQHEGLPKPLTLRWEP
;
A
2 'polypeptide(L)'
;MIQRTPKIQVYSRHPAENGKSNFLNCYVSGFHPSDIEVDLLKNGERIEKVEHSDLSFSKDWSFYLLYYTEFTPTEKDEYA
CRVNHVTLSQPKIVKWDRDM
;
B
3 'polypeptide(L)' LPFDKSTIM C
#
# COMPACT_ATOMS: atom_id res chain seq x y z
N GLY A 1 -0.04 19.67 4.21
CA GLY A 1 -0.61 20.52 3.11
C GLY A 1 -0.26 20.00 1.72
N SER A 2 0.70 19.08 1.63
CA SER A 2 1.07 18.51 0.33
C SER A 2 0.20 17.31 0.01
N HIS A 3 -0.21 17.21 -1.25
CA HIS A 3 -1.15 16.17 -1.65
C HIS A 3 -0.73 15.48 -2.94
N SER A 4 -1.16 14.22 -3.09
CA SER A 4 -0.88 13.51 -4.30
C SER A 4 -2.08 12.61 -4.67
N MET A 5 -2.23 12.32 -5.96
CA MET A 5 -3.13 11.27 -6.44
C MET A 5 -2.30 10.22 -7.21
N ARG A 6 -2.66 8.95 -7.07
CA ARG A 6 -1.98 7.90 -7.79
C ARG A 6 -3.00 6.87 -8.16
N TYR A 7 -2.82 6.29 -9.33
CA TYR A 7 -3.46 5.04 -9.69
C TYR A 7 -2.41 3.92 -9.73
N PHE A 8 -2.81 2.73 -9.26
CA PHE A 8 -1.97 1.56 -9.25
C PHE A 8 -2.64 0.46 -10.03
N TYR A 9 -1.96 -0.04 -11.06
CA TYR A 9 -2.56 -1.10 -11.90
C TYR A 9 -1.71 -2.32 -11.72
N THR A 10 -2.37 -3.47 -11.61
CA THR A 10 -1.71 -4.76 -11.58
C THR A 10 -2.38 -5.69 -12.62
N ALA A 11 -1.55 -6.24 -13.53
CA ALA A 11 -2.03 -7.21 -14.53
C ALA A 11 -1.26 -8.47 -14.36
N MET A 12 -1.99 -9.58 -14.15
CA MET A 12 -1.35 -10.84 -13.83
C MET A 12 -1.86 -11.96 -14.74
N SER A 13 -0.95 -12.55 -15.51
CA SER A 13 -1.30 -13.74 -16.31
C SER A 13 -1.35 -14.98 -15.43
N ARG A 14 -2.05 -16.02 -15.87
CA ARG A 14 -2.23 -17.23 -15.06
C ARG A 14 -2.57 -18.37 -16.04
N PRO A 15 -1.54 -18.83 -16.77
CA PRO A 15 -1.76 -19.81 -17.85
C PRO A 15 -2.51 -21.02 -17.33
N GLY A 16 -3.54 -21.45 -18.05
CA GLY A 16 -4.30 -22.62 -17.64
C GLY A 16 -5.45 -22.25 -16.74
N ARG A 17 -5.49 -21.00 -16.28
CA ARG A 17 -6.54 -20.55 -15.38
C ARG A 17 -7.26 -19.32 -15.89
N GLY A 18 -7.49 -19.26 -17.20
CA GLY A 18 -8.23 -18.14 -17.80
C GLY A 18 -7.34 -16.97 -18.23
N GLU A 19 -7.97 -15.84 -18.55
CA GLU A 19 -7.26 -14.70 -19.07
C GLU A 19 -6.67 -13.90 -17.91
N PRO A 20 -5.65 -13.07 -18.18
CA PRO A 20 -4.99 -12.31 -17.12
C PRO A 20 -5.95 -11.38 -16.37
N ARG A 21 -5.81 -11.36 -15.07
CA ARG A 21 -6.58 -10.44 -14.22
C ARG A 21 -5.96 -9.04 -14.32
N PHE A 22 -6.83 -8.04 -14.43
CA PHE A 22 -6.45 -6.63 -14.33
C PHE A 22 -7.20 -5.97 -13.15
N ILE A 23 -6.47 -5.34 -12.24
N ILE A 23 -6.43 -5.32 -12.28
CA ILE A 23 -7.09 -4.58 -11.15
CA ILE A 23 -6.95 -4.55 -11.17
C ILE A 23 -6.44 -3.21 -10.98
C ILE A 23 -6.44 -3.12 -11.29
N ALA A 24 -7.28 -2.18 -10.91
CA ALA A 24 -6.86 -0.80 -10.78
C ALA A 24 -7.40 -0.32 -9.47
N VAL A 25 -6.56 0.40 -8.69
CA VAL A 25 -7.06 1.14 -7.53
C VAL A 25 -6.55 2.58 -7.61
N GLY A 26 -7.32 3.50 -7.05
CA GLY A 26 -6.94 4.92 -7.00
C GLY A 26 -6.88 5.42 -5.58
N TYR A 27 -5.88 6.28 -5.32
CA TYR A 27 -5.60 6.89 -4.04
C TYR A 27 -5.41 8.39 -4.12
N VAL A 28 -5.92 9.09 -3.10
CA VAL A 28 -5.47 10.46 -2.82
C VAL A 28 -4.71 10.32 -1.51
N ASP A 29 -3.40 10.61 -1.52
CA ASP A 29 -2.60 10.39 -0.30
C ASP A 29 -2.71 8.94 0.19
N ASP A 30 -3.02 8.71 1.47
CA ASP A 30 -3.24 7.35 2.00
C ASP A 30 -4.67 6.85 2.02
N THR A 31 -5.53 7.51 1.26
CA THR A 31 -6.93 7.11 1.14
C THR A 31 -7.28 6.54 -0.22
N GLN A 32 -7.63 5.26 -0.25
CA GLN A 32 -8.12 4.68 -1.49
C GLN A 32 -9.55 5.15 -1.77
N PHE A 33 -9.84 5.44 -3.03
CA PHE A 33 -11.18 5.96 -3.33
C PHE A 33 -11.94 5.21 -4.43
N VAL A 34 -11.25 4.40 -5.24
CA VAL A 34 -11.90 3.64 -6.36
C VAL A 34 -11.17 2.30 -6.55
N ARG A 35 -11.89 1.32 -7.10
CA ARG A 35 -11.32 0.07 -7.56
C ARG A 35 -12.05 -0.40 -8.79
N PHE A 36 -11.34 -1.19 -9.60
CA PHE A 36 -11.90 -1.93 -10.71
C PHE A 36 -11.21 -3.30 -10.74
N ASP A 37 -11.96 -4.39 -10.89
CA ASP A 37 -11.38 -5.72 -10.89
C ASP A 37 -11.99 -6.55 -12.02
N SER A 38 -11.19 -6.91 -13.01
CA SER A 38 -11.73 -7.65 -14.15
C SER A 38 -12.26 -9.02 -13.71
N ASP A 39 -11.91 -9.44 -12.49
CA ASP A 39 -12.44 -10.72 -11.99
C ASP A 39 -13.80 -10.63 -11.31
N ALA A 40 -14.27 -9.42 -11.06
CA ALA A 40 -15.53 -9.25 -10.34
C ALA A 40 -16.70 -9.82 -11.14
N ALA A 41 -17.68 -10.35 -10.42
CA ALA A 41 -18.88 -10.94 -11.04
C ALA A 41 -19.42 -10.01 -12.15
N SER A 42 -19.47 -8.71 -11.86
N SER A 42 -19.51 -8.72 -11.85
CA SER A 42 -19.86 -7.70 -12.84
CA SER A 42 -19.85 -7.71 -12.86
C SER A 42 -18.82 -6.56 -12.81
C SER A 42 -18.82 -6.59 -12.80
N PRO A 43 -17.80 -6.63 -13.69
CA PRO A 43 -16.69 -5.67 -13.64
C PRO A 43 -17.11 -4.23 -13.86
N ARG A 44 -16.97 -3.42 -12.81
CA ARG A 44 -17.22 -2.00 -12.92
C ARG A 44 -16.41 -1.26 -11.88
N THR A 45 -16.21 0.02 -12.16
CA THR A 45 -15.53 0.91 -11.21
C THR A 45 -16.43 1.13 -10.02
N GLU A 46 -15.89 0.95 -8.83
CA GLU A 46 -16.67 1.03 -7.63
C GLU A 46 -16.08 2.03 -6.65
N PRO A 47 -16.95 2.78 -5.92
CA PRO A 47 -16.46 3.78 -4.97
C PRO A 47 -15.90 3.09 -3.73
N ARG A 48 -14.82 3.62 -3.16
CA ARG A 48 -14.22 3.06 -1.95
C ARG A 48 -14.01 4.11 -0.84
N ALA A 49 -14.48 5.32 -1.08
CA ALA A 49 -14.49 6.38 -0.08
C ALA A 49 -15.80 7.16 -0.23
N PRO A 50 -16.39 7.60 0.88
CA PRO A 50 -17.71 8.28 0.88
C PRO A 50 -17.80 9.50 -0.06
N TRP A 51 -16.77 10.36 -0.04
CA TRP A 51 -16.75 11.58 -0.84
C TRP A 51 -16.69 11.39 -2.37
N ILE A 52 -16.36 10.18 -2.83
CA ILE A 52 -16.42 9.93 -4.28
C ILE A 52 -17.84 9.57 -4.74
N GLU A 53 -18.68 9.07 -3.85
CA GLU A 53 -20.02 8.61 -4.26
C GLU A 53 -20.92 9.67 -4.96
N GLN A 54 -20.67 10.95 -4.69
CA GLN A 54 -21.46 12.06 -5.25
C GLN A 54 -21.19 12.25 -6.73
N GLU A 55 -20.18 11.57 -7.26
CA GLU A 55 -19.89 11.67 -8.68
C GLU A 55 -21.01 10.99 -9.44
N GLY A 56 -21.40 11.57 -10.57
CA GLY A 56 -22.54 11.08 -11.37
C GLY A 56 -22.29 9.84 -12.24
N PRO A 57 -23.38 9.30 -12.84
CA PRO A 57 -23.22 8.04 -13.57
C PRO A 57 -22.27 8.14 -14.75
N GLU A 58 -22.12 9.35 -15.33
CA GLU A 58 -21.15 9.55 -16.41
C GLU A 58 -19.68 9.42 -15.96
N TYR A 59 -19.38 9.84 -14.72
CA TYR A 59 -18.05 9.60 -14.12
C TYR A 59 -17.81 8.08 -14.05
N TRP A 60 -18.73 7.33 -13.43
CA TRP A 60 -18.57 5.88 -13.29
C TRP A 60 -18.43 5.15 -14.63
N ASP A 61 -19.21 5.56 -15.62
N ASP A 61 -19.23 5.58 -15.61
CA ASP A 61 -19.13 4.88 -16.91
CA ASP A 61 -19.19 4.99 -16.95
C ASP A 61 -17.86 5.26 -17.71
C ASP A 61 -17.84 5.24 -17.63
N ARG A 62 -17.35 6.48 -17.51
CA ARG A 62 -16.08 6.88 -18.10
C ARG A 62 -14.91 6.08 -17.52
N ASN A 63 -14.90 5.93 -16.20
CA ASN A 63 -13.88 5.13 -15.52
C ASN A 63 -13.93 3.68 -16.00
N THR A 64 -15.13 3.10 -16.00
CA THR A 64 -15.33 1.74 -16.43
C THR A 64 -14.89 1.50 -17.86
N GLN A 65 -15.23 2.40 -18.80
CA GLN A 65 -14.73 2.25 -20.17
C GLN A 65 -13.20 2.25 -20.21
N ILE A 66 -12.58 3.15 -19.46
CA ILE A 66 -11.12 3.28 -19.44
C ILE A 66 -10.50 1.96 -18.95
N PHE A 67 -11.00 1.46 -17.82
CA PHE A 67 -10.47 0.25 -17.18
C PHE A 67 -10.78 -0.99 -18.01
N LYS A 68 -11.92 -1.04 -18.69
CA LYS A 68 -12.18 -2.15 -19.61
C LYS A 68 -11.20 -2.21 -20.78
N THR A 69 -10.92 -1.05 -21.37
CA THR A 69 -9.92 -0.94 -22.42
C THR A 69 -8.53 -1.37 -21.91
N ASN A 70 -8.15 -0.90 -20.71
N ASN A 70 -8.15 -0.92 -20.71
CA ASN A 70 -6.87 -1.30 -20.06
CA ASN A 70 -6.87 -1.31 -20.09
C ASN A 70 -6.76 -2.80 -19.85
C ASN A 70 -6.76 -2.81 -19.85
N THR A 71 -7.86 -3.45 -19.45
CA THR A 71 -7.89 -4.91 -19.26
C THR A 71 -7.43 -5.61 -20.56
N GLN A 72 -7.98 -5.16 -21.69
CA GLN A 72 -7.60 -5.71 -23.01
C GLN A 72 -6.15 -5.35 -23.41
N THR A 73 -5.77 -4.09 -23.20
N THR A 73 -5.73 -4.10 -23.24
CA THR A 73 -4.42 -3.60 -23.54
CA THR A 73 -4.35 -3.72 -23.61
C THR A 73 -3.31 -4.34 -22.77
C THR A 73 -3.30 -4.44 -22.78
N TYR A 74 -3.51 -4.50 -21.46
CA TYR A 74 -2.56 -5.22 -20.61
C TYR A 74 -2.46 -6.71 -20.94
N ARG A 75 -3.55 -7.32 -21.40
CA ARG A 75 -3.46 -8.71 -21.81
C ARG A 75 -2.51 -8.85 -23.03
N GLU A 76 -2.57 -7.90 -23.96
CA GLU A 76 -1.63 -7.90 -25.08
C GLU A 76 -0.22 -7.58 -24.63
N SER A 77 -0.09 -6.61 -23.73
CA SER A 77 1.22 -6.24 -23.21
C SER A 77 1.90 -7.42 -22.53
N LEU A 78 1.13 -8.20 -21.76
CA LEU A 78 1.66 -9.41 -21.16
C LEU A 78 2.19 -10.40 -22.21
N ARG A 79 1.41 -10.64 -23.26
N ARG A 79 1.42 -10.61 -23.27
CA ARG A 79 1.84 -11.46 -24.38
CA ARG A 79 1.85 -11.50 -24.36
C ARG A 79 3.15 -10.94 -24.92
C ARG A 79 3.10 -10.96 -25.03
N ASN A 80 3.18 -9.64 -25.18
CA ASN A 80 4.36 -9.00 -25.82
C ASN A 80 5.59 -9.13 -24.97
N LEU A 81 5.47 -8.85 -23.67
CA LEU A 81 6.64 -8.93 -22.79
C LEU A 81 7.15 -10.35 -22.59
N ARG A 82 6.24 -11.32 -22.54
N ARG A 82 6.26 -11.34 -22.56
CA ARG A 82 6.62 -12.72 -22.51
CA ARG A 82 6.69 -12.72 -22.47
C ARG A 82 7.62 -12.93 -23.64
C ARG A 82 7.60 -13.04 -23.67
N GLY A 83 7.21 -12.55 -24.85
CA GLY A 83 8.04 -12.69 -26.04
C GLY A 83 9.37 -11.92 -25.96
N TYR A 84 9.35 -10.72 -25.36
CA TYR A 84 10.56 -9.88 -25.37
C TYR A 84 11.64 -10.54 -24.55
N TYR A 85 11.22 -11.37 -23.59
CA TYR A 85 12.13 -12.04 -22.67
C TYR A 85 12.31 -13.53 -23.02
N ASN A 86 11.81 -13.94 -24.18
CA ASN A 86 11.92 -15.36 -24.61
C ASN A 86 11.36 -16.35 -23.55
N GLN A 87 10.29 -15.95 -22.88
CA GLN A 87 9.79 -16.75 -21.78
C GLN A 87 8.77 -17.77 -22.27
N SER A 88 8.70 -18.89 -21.58
CA SER A 88 7.76 -19.95 -21.96
C SER A 88 6.32 -19.53 -21.65
N GLU A 89 5.34 -20.16 -22.34
CA GLU A 89 3.92 -19.88 -22.10
C GLU A 89 3.43 -20.46 -20.76
N ALA A 90 4.30 -21.16 -20.04
CA ALA A 90 3.93 -21.82 -18.75
C ALA A 90 3.88 -20.98 -17.46
N GLY A 91 4.66 -19.92 -17.36
CA GLY A 91 4.75 -19.18 -16.09
C GLY A 91 3.77 -18.02 -16.01
N SER A 92 3.43 -17.65 -14.77
N SER A 92 3.48 -17.61 -14.78
CA SER A 92 2.63 -16.46 -14.49
CA SER A 92 2.63 -16.45 -14.54
C SER A 92 3.55 -15.24 -14.44
C SER A 92 3.50 -15.22 -14.37
N HIS A 93 3.11 -14.13 -15.03
CA HIS A 93 3.88 -12.87 -15.00
C HIS A 93 2.99 -11.71 -14.61
N ILE A 94 3.62 -10.64 -14.12
CA ILE A 94 2.90 -9.48 -13.63
C ILE A 94 3.44 -8.21 -14.26
N ILE A 95 2.57 -7.38 -14.85
CA ILE A 95 2.97 -6.01 -15.15
C ILE A 95 2.32 -5.11 -14.12
N GLN A 96 3.09 -4.16 -13.58
CA GLN A 96 2.50 -3.16 -12.68
C GLN A 96 2.77 -1.79 -13.20
N ARG A 97 1.82 -0.90 -12.94
CA ARG A 97 1.97 0.50 -13.32
C ARG A 97 1.53 1.40 -12.18
N MET A 98 2.26 2.47 -11.91
CA MET A 98 1.78 3.52 -10.97
C MET A 98 2.05 4.88 -11.58
N TYR A 99 1.04 5.75 -11.57
CA TYR A 99 1.18 7.08 -12.17
C TYR A 99 0.33 8.07 -11.40
N GLY A 100 0.63 9.36 -11.53
CA GLY A 100 -0.13 10.36 -10.82
C GLY A 100 0.64 11.64 -10.64
N CYS A 101 0.11 12.53 -9.82
CA CYS A 101 0.62 13.88 -9.74
C CYS A 101 0.78 14.25 -8.29
N ASP A 102 1.81 15.04 -8.00
CA ASP A 102 2.04 15.59 -6.67
C ASP A 102 1.80 17.11 -6.71
N LEU A 103 1.05 17.61 -5.73
CA LEU A 103 0.83 19.04 -5.52
C LEU A 103 1.61 19.50 -4.29
N GLY A 104 2.19 20.69 -4.32
CA GLY A 104 2.76 21.31 -3.10
C GLY A 104 1.67 21.97 -2.26
N PRO A 105 2.03 22.60 -1.12
CA PRO A 105 1.01 23.19 -0.20
C PRO A 105 0.14 24.31 -0.81
N ASP A 106 0.63 24.95 -1.88
CA ASP A 106 -0.12 25.96 -2.64
C ASP A 106 -1.04 25.37 -3.72
N GLY A 107 -1.05 24.06 -3.86
CA GLY A 107 -1.93 23.39 -4.83
C GLY A 107 -1.42 23.30 -6.27
N ARG A 108 -0.22 23.82 -6.53
CA ARG A 108 0.42 23.77 -7.87
C ARG A 108 1.13 22.41 -8.11
N LEU A 109 1.18 21.98 -9.36
CA LEU A 109 1.91 20.75 -9.76
C LEU A 109 3.38 20.79 -9.37
N LEU A 110 3.78 19.91 -8.46
CA LEU A 110 5.17 19.80 -8.05
C LEU A 110 5.89 18.92 -9.05
N ARG A 111 5.31 17.74 -9.33
CA ARG A 111 5.86 16.82 -10.34
C ARG A 111 4.87 15.72 -10.68
N GLY A 112 5.15 15.04 -11.79
CA GLY A 112 4.33 13.92 -12.26
C GLY A 112 5.14 12.64 -12.30
N HIS A 113 4.43 11.53 -12.40
CA HIS A 113 5.02 10.22 -12.31
C HIS A 113 4.29 9.29 -13.24
N ASP A 114 5.02 8.43 -13.93
CA ASP A 114 4.44 7.28 -14.59
C ASP A 114 5.49 6.20 -14.72
N GLN A 115 5.33 5.12 -13.97
CA GLN A 115 6.35 4.05 -13.91
C GLN A 115 5.70 2.70 -14.11
N SER A 116 6.38 1.83 -14.84
CA SER A 116 5.92 0.44 -14.98
C SER A 116 7.03 -0.55 -14.64
N ALA A 117 6.61 -1.75 -14.18
CA ALA A 117 7.51 -2.80 -13.78
C ALA A 117 7.02 -4.11 -14.39
N TYR A 118 7.94 -5.07 -14.52
CA TYR A 118 7.60 -6.41 -14.99
C TYR A 118 8.22 -7.39 -14.02
N ASP A 119 7.41 -8.32 -13.53
CA ASP A 119 7.77 -9.22 -12.43
C ASP A 119 8.48 -8.52 -11.25
N GLY A 120 8.03 -7.31 -10.92
CA GLY A 120 8.54 -6.62 -9.75
C GLY A 120 9.83 -5.84 -9.97
N LYS A 121 10.37 -5.88 -11.19
CA LYS A 121 11.59 -5.11 -11.54
C LYS A 121 11.22 -3.92 -12.41
N ASP A 122 11.84 -2.77 -12.14
N ASP A 122 11.85 -2.77 -12.12
CA ASP A 122 11.63 -1.59 -12.96
CA ASP A 122 11.72 -1.57 -12.96
C ASP A 122 11.83 -1.89 -14.43
C ASP A 122 11.81 -1.94 -14.43
N TYR A 123 10.89 -1.45 -15.25
CA TYR A 123 10.87 -1.79 -16.68
C TYR A 123 10.95 -0.52 -17.52
N ILE A 124 10.02 0.41 -17.33
CA ILE A 124 10.07 1.68 -18.05
C ILE A 124 9.50 2.77 -17.15
N ALA A 125 10.12 3.94 -17.14
CA ALA A 125 9.54 5.09 -16.39
C ALA A 125 9.61 6.40 -17.18
N LEU A 126 8.58 7.23 -17.02
CA LEU A 126 8.62 8.59 -17.56
C LEU A 126 9.55 9.44 -16.72
N ASN A 127 10.49 10.14 -17.38
CA ASN A 127 11.43 11.01 -16.69
C ASN A 127 10.67 12.22 -16.12
N GLU A 128 11.29 12.91 -15.19
CA GLU A 128 10.64 14.03 -14.50
C GLU A 128 10.28 15.17 -15.45
N ASP A 129 11.00 15.28 -16.58
CA ASP A 129 10.64 16.22 -17.64
C ASP A 129 9.29 15.93 -18.33
N LEU A 130 8.68 14.77 -18.06
CA LEU A 130 7.43 14.34 -18.69
C LEU A 130 7.52 14.31 -20.23
N SER A 131 8.74 14.17 -20.75
CA SER A 131 8.96 14.22 -22.19
C SER A 131 9.76 13.03 -22.73
N SER A 132 10.55 12.37 -21.89
CA SER A 132 11.43 11.27 -22.31
C SER A 132 11.31 10.09 -21.35
N TRP A 133 11.87 8.94 -21.75
CA TRP A 133 11.70 7.68 -21.01
C TRP A 133 13.04 7.14 -20.53
N THR A 134 13.02 6.40 -19.43
CA THR A 134 14.16 5.59 -19.00
C THR A 134 13.73 4.12 -19.13
N ALA A 135 14.37 3.38 -20.03
CA ALA A 135 14.08 1.95 -20.22
C ALA A 135 15.15 1.10 -19.55
N ALA A 136 14.73 0.06 -18.83
CA ALA A 136 15.67 -0.71 -18.02
C ALA A 136 16.62 -1.62 -18.80
N ASP A 137 16.17 -2.09 -19.97
CA ASP A 137 16.90 -3.11 -20.74
C ASP A 137 16.44 -3.09 -22.20
N THR A 138 16.94 -4.02 -23.04
CA THR A 138 16.60 -4.01 -24.46
C THR A 138 15.14 -4.37 -24.74
N ALA A 139 14.52 -5.10 -23.82
CA ALA A 139 13.09 -5.37 -23.90
C ALA A 139 12.29 -4.09 -23.75
N ALA A 140 12.58 -3.36 -22.69
CA ALA A 140 11.91 -2.08 -22.48
C ALA A 140 12.14 -1.07 -23.62
N GLN A 141 13.25 -1.20 -24.34
CA GLN A 141 13.54 -0.28 -25.43
C GLN A 141 12.51 -0.43 -26.55
N ILE A 142 12.00 -1.66 -26.71
CA ILE A 142 10.97 -1.93 -27.70
C ILE A 142 9.68 -1.18 -27.35
N THR A 143 9.23 -1.35 -26.11
CA THR A 143 8.12 -0.56 -25.56
C THR A 143 8.38 0.93 -25.72
N GLN A 144 9.61 1.36 -25.47
CA GLN A 144 9.88 2.80 -25.58
C GLN A 144 9.62 3.27 -27.01
N ARG A 145 10.03 2.49 -28.01
CA ARG A 145 9.78 2.88 -29.41
C ARG A 145 8.31 2.91 -29.76
N LYS A 146 7.57 1.91 -29.29
CA LYS A 146 6.13 1.90 -29.53
C LYS A 146 5.49 3.12 -28.88
N TRP A 147 5.96 3.44 -27.68
CA TRP A 147 5.38 4.55 -26.92
C TRP A 147 5.71 5.91 -27.52
N GLU A 148 6.90 6.07 -28.06
CA GLU A 148 7.24 7.27 -28.82
C GLU A 148 6.40 7.44 -30.09
N ALA A 149 6.06 6.34 -30.76
CA ALA A 149 5.30 6.39 -31.99
C ALA A 149 3.86 6.84 -31.75
N ALA A 150 3.30 6.44 -30.62
CA ALA A 150 1.94 6.81 -30.23
C ALA A 150 1.90 8.11 -29.45
N ARG A 151 3.01 8.83 -29.39
CA ARG A 151 3.12 10.11 -28.65
C ARG A 151 2.59 9.99 -27.21
N VAL A 152 3.00 8.93 -26.51
CA VAL A 152 2.53 8.68 -25.12
C VAL A 152 3.00 9.73 -24.13
N ALA A 153 4.29 10.05 -24.13
CA ALA A 153 4.83 11.02 -23.18
C ALA A 153 4.06 12.34 -23.27
N GLU A 154 3.75 12.74 -24.49
CA GLU A 154 3.03 13.97 -24.76
C GLU A 154 1.61 13.92 -24.19
N GLN A 155 0.97 12.74 -24.28
CA GLN A 155 -0.39 12.59 -23.80
C GLN A 155 -0.39 12.58 -22.27
N LEU A 156 0.61 11.93 -21.68
CA LEU A 156 0.76 11.88 -20.22
C LEU A 156 1.03 13.26 -19.64
N ARG A 157 1.98 13.98 -20.26
CA ARG A 157 2.25 15.33 -19.84
C ARG A 157 0.96 16.14 -19.81
N ALA A 158 0.15 16.11 -20.89
CA ALA A 158 -1.10 16.89 -20.89
C ALA A 158 -2.04 16.46 -19.73
N TYR A 159 -2.08 15.16 -19.46
CA TYR A 159 -2.95 14.63 -18.40
C TYR A 159 -2.43 15.05 -17.02
N LEU A 160 -1.12 14.86 -16.81
CA LEU A 160 -0.51 15.05 -15.50
C LEU A 160 -0.55 16.52 -15.11
N GLU A 161 -0.39 17.41 -16.09
CA GLU A 161 -0.44 18.87 -15.81
C GLU A 161 -1.86 19.46 -15.80
N GLY A 162 -2.80 18.73 -16.40
CA GLY A 162 -4.16 19.17 -16.57
C GLY A 162 -5.14 18.35 -15.74
N LEU A 163 -5.74 17.34 -16.36
CA LEU A 163 -6.82 16.56 -15.75
C LEU A 163 -6.48 15.98 -14.35
N CYS A 164 -5.26 15.45 -14.21
CA CYS A 164 -4.81 14.85 -12.94
C CYS A 164 -4.90 15.88 -11.82
N VAL A 165 -4.26 17.03 -12.05
CA VAL A 165 -4.27 18.13 -11.08
C VAL A 165 -5.68 18.64 -10.76
N GLU A 166 -6.47 18.87 -11.81
N GLU A 166 -6.48 18.88 -11.81
CA GLU A 166 -7.81 19.39 -11.67
CA GLU A 166 -7.84 19.40 -11.64
C GLU A 166 -8.71 18.46 -10.85
C GLU A 166 -8.72 18.45 -10.83
N TRP A 167 -8.65 17.16 -11.13
CA TRP A 167 -9.46 16.18 -10.39
C TRP A 167 -8.92 15.98 -8.98
N LEU A 168 -7.60 15.96 -8.82
CA LEU A 168 -7.06 15.87 -7.45
C LEU A 168 -7.60 17.01 -6.60
N ARG A 169 -7.52 18.24 -7.12
N ARG A 169 -7.55 18.25 -7.11
CA ARG A 169 -8.06 19.42 -6.44
CA ARG A 169 -8.06 19.40 -6.38
C ARG A 169 -9.54 19.26 -6.10
C ARG A 169 -9.56 19.33 -6.11
N ARG A 170 -10.31 18.73 -7.04
CA ARG A 170 -11.76 18.50 -6.84
C ARG A 170 -12.02 17.54 -5.66
N TYR A 171 -11.30 16.42 -5.66
CA TYR A 171 -11.42 15.41 -4.60
C TYR A 171 -11.02 15.98 -3.25
N LEU A 172 -9.94 16.76 -3.23
CA LEU A 172 -9.47 17.38 -1.99
C LEU A 172 -10.55 18.29 -1.42
N GLU A 173 -11.26 19.01 -2.29
CA GLU A 173 -12.38 19.85 -1.84
C GLU A 173 -13.60 19.03 -1.40
N ASN A 174 -14.01 18.06 -2.20
CA ASN A 174 -15.15 17.21 -1.85
C ASN A 174 -14.91 16.37 -0.60
N GLY A 175 -13.65 16.04 -0.34
CA GLY A 175 -13.31 15.21 0.80
C GLY A 175 -12.51 15.94 1.86
N LYS A 176 -12.62 17.28 1.89
CA LYS A 176 -11.77 18.12 2.74
C LYS A 176 -11.81 17.79 4.22
N GLU A 177 -12.99 17.39 4.72
CA GLU A 177 -13.11 17.07 6.15
C GLU A 177 -12.25 15.89 6.57
N THR A 178 -11.89 14.99 5.63
CA THR A 178 -11.00 13.88 5.97
C THR A 178 -9.63 14.06 5.31
N LEU A 179 -9.63 14.32 4.01
CA LEU A 179 -8.36 14.35 3.26
C LEU A 179 -7.44 15.47 3.68
N GLN A 180 -8.02 16.57 4.15
CA GLN A 180 -7.26 17.75 4.57
C GLN A 180 -7.25 17.89 6.09
N ARG A 181 -7.48 16.77 6.80
CA ARG A 181 -7.45 16.73 8.25
C ARG A 181 -6.34 15.78 8.67
N ALA A 182 -5.36 16.29 9.39
CA ALA A 182 -4.29 15.43 9.88
C ALA A 182 -4.69 15.06 11.30
N ASP A 183 -4.74 13.77 11.60
CA ASP A 183 -5.03 13.31 12.96
C ASP A 183 -3.71 12.95 13.63
N PRO A 184 -3.40 13.57 14.77
CA PRO A 184 -2.11 13.31 15.39
C PRO A 184 -2.00 11.91 16.05
N PRO A 185 -0.78 11.35 16.20
CA PRO A 185 -0.67 10.08 16.90
C PRO A 185 -1.05 10.23 18.36
N LYS A 186 -1.73 9.22 18.89
CA LYS A 186 -1.85 9.06 20.35
C LYS A 186 -0.66 8.22 20.79
N THR A 187 0.05 8.68 21.80
CA THR A 187 1.34 8.06 22.09
C THR A 187 1.49 7.65 23.53
N HIS A 188 2.29 6.60 23.77
CA HIS A 188 2.67 6.16 25.12
C HIS A 188 3.92 5.29 25.04
N VAL A 189 4.55 5.07 26.20
CA VAL A 189 5.76 4.27 26.28
C VAL A 189 5.51 3.12 27.27
N THR A 190 5.81 1.90 26.83
CA THR A 190 5.65 0.70 27.65
C THR A 190 7.01 0.15 28.08
N HIS A 191 7.04 -0.60 29.16
CA HIS A 191 8.28 -1.09 29.74
C HIS A 191 8.00 -2.54 30.07
N HIS A 192 8.86 -3.45 29.60
CA HIS A 192 8.78 -4.87 29.95
C HIS A 192 10.17 -5.47 30.15
N PRO A 193 10.44 -5.99 31.35
CA PRO A 193 11.73 -6.63 31.61
C PRO A 193 11.94 -7.79 30.65
N VAL A 194 13.15 -7.89 30.09
CA VAL A 194 13.50 -9.06 29.28
C VAL A 194 14.37 -10.00 30.12
N SER A 195 14.87 -9.47 31.23
CA SER A 195 15.77 -10.20 32.12
C SER A 195 16.05 -9.35 33.37
N ASP A 196 16.96 -9.84 34.21
CA ASP A 196 17.35 -9.11 35.41
C ASP A 196 18.01 -7.78 35.11
N HIS A 197 18.79 -7.73 34.03
CA HIS A 197 19.64 -6.57 33.75
C HIS A 197 19.20 -5.70 32.55
N GLU A 198 18.16 -6.12 31.83
CA GLU A 198 17.67 -5.34 30.67
C GLU A 198 16.13 -5.29 30.56
N ALA A 199 15.64 -4.21 29.95
CA ALA A 199 14.21 -4.02 29.73
C ALA A 199 13.97 -3.45 28.33
N THR A 200 12.79 -3.73 27.76
CA THR A 200 12.36 -3.12 26.51
C THR A 200 11.56 -1.86 26.80
N LEU A 201 11.94 -0.76 26.15
CA LEU A 201 11.10 0.41 26.11
C LEU A 201 10.44 0.45 24.74
N ARG A 202 9.11 0.48 24.69
CA ARG A 202 8.43 0.55 23.40
C ARG A 202 7.61 1.81 23.31
N CYS A 203 7.87 2.58 22.26
CA CYS A 203 7.20 3.82 22.02
C CYS A 203 6.15 3.61 20.95
N TRP A 204 4.88 3.88 21.28
CA TRP A 204 3.73 3.63 20.43
C TRP A 204 3.14 4.91 19.86
N ALA A 205 2.72 4.84 18.61
CA ALA A 205 1.95 5.89 17.96
C ALA A 205 0.72 5.24 17.34
N LEU A 206 -0.47 5.68 17.74
CA LEU A 206 -1.72 5.07 17.26
C LEU A 206 -2.68 6.13 16.77
N GLY A 207 -3.54 5.77 15.82
CA GLY A 207 -4.64 6.65 15.43
C GLY A 207 -4.27 7.83 14.54
N PHE A 208 -3.09 7.79 13.92
CA PHE A 208 -2.65 8.92 13.10
C PHE A 208 -3.00 8.85 11.60
N TYR A 209 -3.05 10.01 10.96
CA TYR A 209 -3.31 10.10 9.52
C TYR A 209 -2.78 11.46 9.10
N PRO A 210 -1.97 11.54 8.01
CA PRO A 210 -1.61 10.47 7.08
C PRO A 210 -0.53 9.53 7.65
N ALA A 211 -0.14 8.51 6.88
CA ALA A 211 0.77 7.48 7.38
C ALA A 211 2.20 7.97 7.67
N GLU A 212 2.65 9.03 6.99
CA GLU A 212 4.03 9.54 7.22
C GLU A 212 4.24 9.95 8.69
N ILE A 213 5.30 9.41 9.32
CA ILE A 213 5.59 9.70 10.72
C ILE A 213 7.08 9.43 10.91
N THR A 214 7.68 10.05 11.92
CA THR A 214 9.01 9.64 12.34
C THR A 214 8.97 9.32 13.82
N LEU A 215 9.45 8.12 14.17
CA LEU A 215 9.60 7.73 15.56
C LEU A 215 11.04 7.35 15.77
N THR A 216 11.70 7.97 16.73
CA THR A 216 13.08 7.58 17.01
C THR A 216 13.27 7.45 18.50
N TRP A 217 14.27 6.67 18.91
CA TRP A 217 14.73 6.70 20.28
C TRP A 217 16.10 7.40 20.37
N GLN A 218 16.29 8.16 21.45
CA GLN A 218 17.59 8.78 21.74
C GLN A 218 18.10 8.30 23.09
N ARG A 219 19.41 8.07 23.19
CA ARG A 219 20.09 7.83 24.47
C ARG A 219 21.05 9.00 24.69
N ASP A 220 20.83 9.72 25.79
CA ASP A 220 21.56 10.96 26.12
C ASP A 220 21.54 11.99 24.98
N GLY A 221 20.40 12.07 24.26
CA GLY A 221 20.25 13.00 23.15
C GLY A 221 20.90 12.64 21.83
N GLU A 222 21.39 11.40 21.68
CA GLU A 222 21.83 10.95 20.36
C GLU A 222 21.00 9.75 19.84
N ASP A 223 20.71 9.78 18.54
CA ASP A 223 19.90 8.74 17.90
C ASP A 223 20.48 7.35 18.08
N GLN A 224 19.60 6.39 18.29
CA GLN A 224 19.96 5.01 18.47
C GLN A 224 19.52 4.18 17.28
N THR A 225 19.87 4.68 16.09
CA THR A 225 19.39 4.11 14.81
C THR A 225 19.59 2.60 14.67
N GLN A 226 20.81 2.13 14.92
CA GLN A 226 21.11 0.70 14.82
C GLN A 226 20.51 -0.13 15.97
N ASP A 227 20.16 0.52 17.07
CA ASP A 227 19.69 -0.21 18.26
C ASP A 227 18.16 -0.25 18.40
N THR A 228 17.47 0.44 17.50
CA THR A 228 16.02 0.55 17.52
C THR A 228 15.36 -0.50 16.63
N GLU A 229 14.44 -1.26 17.20
CA GLU A 229 13.60 -2.15 16.41
C GLU A 229 12.39 -1.33 15.94
N LEU A 230 12.25 -1.18 14.63
CA LEU A 230 11.24 -0.32 14.05
C LEU A 230 10.27 -1.19 13.26
N VAL A 231 8.98 -1.06 13.54
CA VAL A 231 7.99 -1.83 12.79
C VAL A 231 7.47 -0.99 11.59
N GLU A 232 7.12 -1.66 10.50
N GLU A 232 7.12 -1.65 10.50
CA GLU A 232 6.46 -1.00 9.36
CA GLU A 232 6.50 -0.95 9.38
C GLU A 232 5.19 -0.32 9.84
C GLU A 232 5.20 -0.33 9.83
N THR A 233 4.95 0.90 9.37
CA THR A 233 3.68 1.57 9.62
C THR A 233 2.55 0.69 9.04
N ARG A 234 1.51 0.49 9.84
CA ARG A 234 0.44 -0.48 9.50
C ARG A 234 -0.93 0.17 9.60
N PRO A 235 -1.89 -0.25 8.73
CA PRO A 235 -3.18 0.39 8.80
C PRO A 235 -4.05 -0.20 9.94
N ALA A 236 -4.76 0.66 10.65
CA ALA A 236 -5.70 0.22 11.70
C ALA A 236 -6.99 -0.38 11.13
N GLY A 237 -7.34 0.06 9.92
CA GLY A 237 -8.57 -0.39 9.24
C GLY A 237 -9.70 0.64 9.25
N ASP A 238 -9.50 1.74 9.96
CA ASP A 238 -10.47 2.84 10.09
C ASP A 238 -9.90 4.16 9.53
N ARG A 239 -9.08 4.04 8.48
CA ARG A 239 -8.30 5.13 7.85
C ARG A 239 -7.00 5.48 8.57
N THR A 240 -6.89 5.19 9.85
CA THR A 240 -5.69 5.57 10.63
C THR A 240 -4.57 4.54 10.58
N PHE A 241 -3.38 4.93 11.04
CA PHE A 241 -2.19 4.09 11.05
C PHE A 241 -1.58 3.95 12.42
N GLN A 242 -0.71 2.95 12.53
CA GLN A 242 -0.05 2.61 13.77
C GLN A 242 1.44 2.34 13.53
N LYS A 243 2.28 2.60 14.53
CA LYS A 243 3.70 2.25 14.45
C LYS A 243 4.25 2.18 15.86
N TRP A 244 5.30 1.39 16.06
CA TRP A 244 6.07 1.43 17.30
C TRP A 244 7.56 1.34 17.00
N ALA A 245 8.38 1.80 17.97
CA ALA A 245 9.84 1.70 17.94
C ALA A 245 10.28 1.19 19.33
N ALA A 246 11.20 0.24 19.34
CA ALA A 246 11.64 -0.33 20.63
C ALA A 246 13.16 -0.37 20.79
N VAL A 247 13.61 -0.19 22.04
CA VAL A 247 15.01 -0.27 22.43
C VAL A 247 15.14 -1.16 23.66
N VAL A 248 16.19 -1.98 23.72
CA VAL A 248 16.47 -2.75 24.91
C VAL A 248 17.52 -1.98 25.70
N VAL A 249 17.19 -1.62 26.93
CA VAL A 249 18.03 -0.69 27.69
C VAL A 249 18.57 -1.39 28.94
N PRO A 250 19.74 -0.95 29.47
CA PRO A 250 20.12 -1.50 30.79
C PRO A 250 19.22 -0.98 31.91
N SER A 251 18.78 -1.85 32.81
CA SER A 251 18.12 -1.41 34.05
C SER A 251 19.17 -0.71 34.91
N GLY A 252 18.87 0.37 35.65
CA GLY A 252 17.80 1.31 35.40
C GLY A 252 18.43 2.55 34.77
N GLU A 253 18.75 2.45 33.48
CA GLU A 253 19.18 3.62 32.70
C GLU A 253 18.01 4.17 31.89
N GLU A 254 16.79 3.80 32.26
CA GLU A 254 15.60 4.12 31.47
C GLU A 254 15.43 5.61 31.20
N GLN A 255 15.76 6.43 32.18
CA GLN A 255 15.53 7.87 32.09
C GLN A 255 16.49 8.59 31.14
N ARG A 256 17.54 7.89 30.72
CA ARG A 256 18.48 8.41 29.71
C ARG A 256 17.92 8.31 28.29
N TYR A 257 16.79 7.62 28.15
CA TYR A 257 16.20 7.34 26.85
C TYR A 257 14.96 8.19 26.61
N THR A 258 14.84 8.74 25.40
CA THR A 258 13.68 9.56 25.03
C THR A 258 13.21 9.18 23.64
N CYS A 259 11.89 9.07 23.51
CA CYS A 259 11.24 8.77 22.23
C CYS A 259 10.78 10.09 21.60
N HIS A 260 11.06 10.27 20.31
CA HIS A 260 10.75 11.53 19.64
C HIS A 260 9.77 11.24 18.52
N VAL A 261 8.72 12.04 18.48
CA VAL A 261 7.61 11.80 17.55
C VAL A 261 7.35 13.03 16.69
N GLN A 262 7.41 12.85 15.38
CA GLN A 262 7.14 13.92 14.40
C GLN A 262 5.99 13.50 13.48
N HIS A 263 4.96 14.35 13.37
CA HIS A 263 3.78 14.08 12.54
C HIS A 263 3.06 15.37 12.21
N GLU A 264 2.53 15.46 11.00
CA GLU A 264 1.80 16.66 10.56
C GLU A 264 0.64 17.07 11.50
N GLY A 265 -0.03 16.10 12.13
CA GLY A 265 -1.14 16.36 13.04
C GLY A 265 -0.81 17.04 14.37
N LEU A 266 0.47 17.05 14.73
CA LEU A 266 0.87 17.51 16.05
C LEU A 266 1.08 19.03 16.05
N PRO A 267 0.48 19.74 17.03
CA PRO A 267 0.84 21.16 17.21
C PRO A 267 2.36 21.36 17.42
N LYS A 268 3.00 20.47 18.19
CA LYS A 268 4.45 20.49 18.40
C LYS A 268 4.97 19.06 18.45
N PRO A 269 6.18 18.80 17.90
CA PRO A 269 6.84 17.49 18.06
C PRO A 269 6.89 17.04 19.52
N LEU A 270 6.67 15.74 19.76
CA LEU A 270 6.65 15.21 21.12
C LEU A 270 8.01 14.62 21.54
N THR A 271 8.32 14.78 22.83
CA THR A 271 9.36 14.03 23.50
C THR A 271 8.66 13.26 24.62
N LEU A 272 8.80 11.94 24.63
CA LEU A 272 8.26 11.10 25.70
C LEU A 272 9.34 10.25 26.36
N ARG A 273 9.12 9.96 27.64
CA ARG A 273 9.92 8.97 28.35
C ARG A 273 8.99 7.96 28.99
N TRP A 274 9.54 6.83 29.41
CA TRP A 274 8.81 5.93 30.27
C TRP A 274 8.47 6.64 31.58
N GLU A 275 7.22 6.50 32.00
CA GLU A 275 6.71 7.09 33.21
C GLU A 275 6.26 5.93 34.09
N PRO A 276 7.14 5.49 35.01
CA PRO A 276 6.89 4.33 35.88
C PRO A 276 5.50 4.36 36.53
N MET B 1 12.96 -15.93 -11.53
CA MET B 1 12.14 -14.76 -11.10
C MET B 1 12.63 -14.33 -9.73
N ILE B 2 12.67 -13.02 -9.49
CA ILE B 2 12.93 -12.56 -8.13
C ILE B 2 11.61 -12.53 -7.38
N GLN B 3 11.58 -13.22 -6.25
CA GLN B 3 10.40 -13.34 -5.41
C GLN B 3 10.71 -12.76 -4.02
N ARG B 4 9.69 -12.21 -3.38
CA ARG B 4 9.83 -11.60 -2.07
C ARG B 4 8.82 -12.18 -1.09
N THR B 5 9.33 -12.56 0.08
CA THR B 5 8.50 -13.22 1.08
C THR B 5 7.66 -12.20 1.91
N PRO B 6 6.45 -12.59 2.37
CA PRO B 6 5.71 -11.54 3.05
C PRO B 6 6.19 -11.25 4.47
N LYS B 7 6.16 -9.98 4.84
CA LYS B 7 6.22 -9.58 6.24
C LYS B 7 4.81 -9.70 6.78
N ILE B 8 4.69 -10.05 8.06
CA ILE B 8 3.37 -10.30 8.66
C ILE B 8 3.27 -9.56 9.99
N GLN B 9 2.21 -8.77 10.17
CA GLN B 9 1.87 -8.23 11.51
C GLN B 9 0.44 -8.55 11.91
N VAL B 10 0.28 -8.97 13.17
CA VAL B 10 -1.03 -9.30 13.73
C VAL B 10 -1.27 -8.40 14.93
N TYR B 11 -2.41 -7.73 14.99
CA TYR B 11 -2.63 -6.67 15.98
C TYR B 11 -4.10 -6.27 15.94
N SER B 12 -4.53 -5.40 16.86
CA SER B 12 -5.93 -5.00 16.91
C SER B 12 -6.12 -3.54 16.44
N ARG B 13 -7.30 -3.18 15.98
CA ARG B 13 -7.56 -1.83 15.51
C ARG B 13 -7.44 -0.85 16.68
N HIS B 14 -8.06 -1.23 17.79
CA HIS B 14 -8.07 -0.46 19.03
C HIS B 14 -7.30 -1.21 20.12
N PRO B 15 -6.78 -0.49 21.14
CA PRO B 15 -6.05 -1.16 22.21
C PRO B 15 -6.94 -2.27 22.78
N ALA B 16 -6.39 -3.44 23.06
CA ALA B 16 -7.24 -4.56 23.47
C ALA B 16 -7.72 -4.44 24.92
N GLU B 17 -9.00 -4.73 25.11
CA GLU B 17 -9.62 -4.73 26.46
C GLU B 17 -10.61 -5.90 26.45
N ASN B 18 -10.39 -6.85 27.36
CA ASN B 18 -11.20 -8.07 27.42
C ASN B 18 -12.69 -7.80 27.54
N GLY B 19 -13.46 -8.50 26.71
CA GLY B 19 -14.91 -8.36 26.74
C GLY B 19 -15.43 -7.16 25.99
N LYS B 20 -14.56 -6.43 25.28
CA LYS B 20 -15.02 -5.35 24.41
C LYS B 20 -14.75 -5.69 22.91
N SER B 21 -15.78 -5.53 22.07
CA SER B 21 -15.65 -5.77 20.63
C SER B 21 -14.53 -4.88 20.04
N ASN B 22 -13.86 -5.37 19.00
CA ASN B 22 -12.65 -4.76 18.48
C ASN B 22 -12.49 -5.36 17.04
N PHE B 23 -11.36 -5.09 16.37
CA PHE B 23 -11.07 -5.76 15.11
C PHE B 23 -9.68 -6.37 15.15
N LEU B 24 -9.58 -7.60 14.67
CA LEU B 24 -8.31 -8.31 14.59
C LEU B 24 -7.80 -8.09 13.17
N ASN B 25 -6.57 -7.62 13.08
CA ASN B 25 -5.94 -7.35 11.79
C ASN B 25 -4.80 -8.28 11.51
N CYS B 26 -4.68 -8.72 10.27
CA CYS B 26 -3.43 -9.32 9.80
C CYS B 26 -2.98 -8.54 8.56
N TYR B 27 -1.86 -7.83 8.70
CA TYR B 27 -1.29 -7.00 7.62
C TYR B 27 -0.12 -7.76 7.00
N VAL B 28 -0.26 -8.12 5.73
CA VAL B 28 0.83 -8.76 4.97
C VAL B 28 1.40 -7.79 3.95
N SER B 29 2.72 -7.68 3.85
CA SER B 29 3.28 -6.67 2.97
C SER B 29 4.67 -7.08 2.50
N GLY B 30 5.23 -6.31 1.57
CA GLY B 30 6.56 -6.58 1.02
C GLY B 30 6.70 -7.86 0.24
N PHE B 31 5.58 -8.41 -0.27
CA PHE B 31 5.66 -9.68 -0.98
C PHE B 31 5.53 -9.56 -2.49
N HIS B 32 6.03 -10.56 -3.19
CA HIS B 32 5.92 -10.61 -4.63
C HIS B 32 6.22 -12.04 -5.04
N PRO B 33 5.40 -12.63 -5.92
CA PRO B 33 4.24 -12.12 -6.63
C PRO B 33 3.02 -11.96 -5.70
N SER B 34 1.87 -11.59 -6.26
CA SER B 34 0.75 -11.12 -5.44
C SER B 34 -0.15 -12.24 -4.88
N ASP B 35 -0.14 -13.43 -5.49
CA ASP B 35 -0.95 -14.51 -4.92
C ASP B 35 -0.49 -14.82 -3.51
N ILE B 36 -1.44 -14.88 -2.57
CA ILE B 36 -1.13 -15.14 -1.18
C ILE B 36 -2.38 -15.73 -0.52
N GLU B 37 -2.18 -16.59 0.47
CA GLU B 37 -3.29 -17.16 1.24
C GLU B 37 -3.18 -16.70 2.68
N VAL B 38 -4.23 -16.09 3.18
CA VAL B 38 -4.23 -15.56 4.55
C VAL B 38 -5.50 -15.97 5.28
N ASP B 39 -5.32 -16.60 6.42
CA ASP B 39 -6.44 -16.91 7.31
C ASP B 39 -6.20 -16.37 8.71
N LEU B 40 -7.26 -15.92 9.35
CA LEU B 40 -7.25 -15.59 10.76
C LEU B 40 -7.76 -16.80 11.55
N LEU B 41 -7.06 -17.12 12.63
CA LEU B 41 -7.36 -18.27 13.45
C LEU B 41 -7.85 -17.87 14.86
N LYS B 42 -8.89 -18.56 15.34
CA LYS B 42 -9.29 -18.48 16.76
C LYS B 42 -9.11 -19.86 17.37
N ASN B 43 -8.22 -19.95 18.36
CA ASN B 43 -7.81 -21.23 18.97
C ASN B 43 -7.54 -22.29 17.92
N GLY B 44 -6.77 -21.89 16.90
CA GLY B 44 -6.33 -22.81 15.84
C GLY B 44 -7.32 -23.08 14.74
N GLU B 45 -8.58 -22.68 14.91
CA GLU B 45 -9.62 -22.86 13.88
C GLU B 45 -9.76 -21.64 12.96
N ARG B 46 -9.88 -21.88 11.67
CA ARG B 46 -10.08 -20.83 10.67
C ARG B 46 -11.38 -20.05 10.89
N ILE B 47 -11.26 -18.73 11.05
CA ILE B 47 -12.41 -17.83 11.23
C ILE B 47 -13.10 -17.59 9.89
N GLU B 48 -14.42 -17.58 9.90
CA GLU B 48 -15.17 -17.62 8.66
C GLU B 48 -15.24 -16.36 7.84
N LYS B 49 -15.89 -15.30 8.33
CA LYS B 49 -16.28 -14.23 7.39
C LYS B 49 -15.27 -13.07 7.19
N VAL B 50 -13.98 -13.42 7.16
CA VAL B 50 -12.87 -12.46 7.09
C VAL B 50 -12.92 -11.60 5.79
N GLU B 51 -12.62 -10.32 5.95
CA GLU B 51 -12.67 -9.38 4.84
C GLU B 51 -11.23 -8.95 4.57
N HIS B 52 -10.95 -8.44 3.36
CA HIS B 52 -9.61 -7.95 3.06
C HIS B 52 -9.67 -6.73 2.17
N SER B 53 -8.57 -6.00 2.13
CA SER B 53 -8.47 -4.78 1.32
C SER B 53 -8.23 -5.13 -0.16
N ASP B 54 -8.37 -4.13 -1.03
CA ASP B 54 -8.06 -4.33 -2.45
C ASP B 54 -6.57 -4.36 -2.67
N LEU B 55 -6.12 -5.26 -3.56
CA LEU B 55 -4.70 -5.35 -3.93
C LEU B 55 -4.05 -4.04 -4.33
N SER B 56 -3.02 -3.62 -3.59
N SER B 56 -3.01 -3.64 -3.61
CA SER B 56 -2.22 -2.47 -4.04
CA SER B 56 -2.23 -2.47 -4.02
C SER B 56 -0.77 -2.79 -3.76
C SER B 56 -0.77 -2.78 -3.74
N PHE B 57 0.11 -1.85 -4.07
CA PHE B 57 1.54 -2.07 -3.86
C PHE B 57 2.26 -0.79 -3.51
N SER B 58 3.43 -0.99 -2.90
CA SER B 58 4.31 0.07 -2.43
C SER B 58 5.20 0.59 -3.54
N LYS B 59 5.91 1.69 -3.27
CA LYS B 59 6.89 2.28 -4.23
C LYS B 59 7.95 1.31 -4.74
N ASP B 60 8.25 0.25 -3.97
CA ASP B 60 9.22 -0.75 -4.39
C ASP B 60 8.59 -1.92 -5.16
N TRP B 61 7.33 -1.74 -5.56
CA TRP B 61 6.52 -2.72 -6.29
C TRP B 61 5.99 -3.90 -5.47
N SER B 62 6.38 -4.02 -4.21
CA SER B 62 5.86 -5.11 -3.39
C SER B 62 4.40 -4.87 -2.98
N PHE B 63 3.65 -5.97 -2.89
CA PHE B 63 2.22 -5.95 -2.60
C PHE B 63 1.93 -5.90 -1.11
N TYR B 64 0.77 -5.35 -0.78
CA TYR B 64 0.28 -5.38 0.62
C TYR B 64 -1.24 -5.52 0.68
N LEU B 65 -1.71 -6.16 1.74
CA LEU B 65 -3.14 -6.43 1.96
C LEU B 65 -3.41 -6.43 3.45
N LEU B 66 -4.58 -5.92 3.81
CA LEU B 66 -5.10 -6.04 5.15
C LEU B 66 -6.28 -6.99 5.15
N TYR B 67 -6.18 -8.02 6.00
CA TYR B 67 -7.27 -8.94 6.34
C TYR B 67 -7.75 -8.61 7.73
N TYR B 68 -9.06 -8.59 7.94
CA TYR B 68 -9.60 -8.21 9.24
C TYR B 68 -10.94 -8.85 9.52
N THR B 69 -11.25 -8.93 10.79
CA THR B 69 -12.53 -9.45 11.27
C THR B 69 -12.85 -8.84 12.62
N GLU B 70 -14.12 -8.58 12.89
CA GLU B 70 -14.59 -8.25 14.24
C GLU B 70 -14.32 -9.42 15.21
N PHE B 71 -13.84 -9.11 16.42
CA PHE B 71 -13.62 -10.10 17.49
C PHE B 71 -13.70 -9.49 18.88
N THR B 72 -14.05 -10.32 19.85
CA THR B 72 -14.00 -9.88 21.24
C THR B 72 -12.90 -10.63 21.96
N PRO B 73 -11.80 -9.94 22.26
CA PRO B 73 -10.70 -10.64 22.90
C PRO B 73 -11.08 -10.99 24.33
N THR B 74 -10.57 -12.11 24.81
CA THR B 74 -10.74 -12.53 26.19
C THR B 74 -9.36 -12.84 26.77
N GLU B 75 -9.28 -13.15 28.07
CA GLU B 75 -8.00 -13.48 28.67
C GLU B 75 -7.37 -14.71 28.02
N LYS B 76 -8.17 -15.74 27.74
CA LYS B 76 -7.59 -17.02 27.33
C LYS B 76 -7.82 -17.51 25.87
N ASP B 77 -8.66 -16.82 25.10
CA ASP B 77 -8.76 -17.10 23.65
C ASP B 77 -7.49 -16.65 22.96
N GLU B 78 -6.96 -17.50 22.07
CA GLU B 78 -5.73 -17.18 21.36
C GLU B 78 -6.02 -16.99 19.88
N TYR B 79 -5.45 -15.92 19.34
CA TYR B 79 -5.66 -15.56 17.96
C TYR B 79 -4.33 -15.58 17.22
N ALA B 80 -4.39 -15.80 15.91
CA ALA B 80 -3.20 -15.86 15.08
C ALA B 80 -3.55 -15.58 13.63
N CYS B 81 -2.52 -15.43 12.80
CA CYS B 81 -2.70 -15.24 11.38
C CYS B 81 -1.89 -16.31 10.65
N ARG B 82 -2.51 -17.00 9.70
CA ARG B 82 -1.82 -18.05 8.97
C ARG B 82 -1.66 -17.65 7.50
N VAL B 83 -0.40 -17.60 7.08
CA VAL B 83 -0.05 -17.10 5.75
C VAL B 83 0.68 -18.13 4.89
N ASN B 84 0.23 -18.33 3.65
CA ASN B 84 0.99 -19.09 2.69
C ASN B 84 1.30 -18.28 1.42
N HIS B 85 2.51 -18.48 0.89
CA HIS B 85 2.98 -17.75 -0.27
C HIS B 85 3.97 -18.67 -1.02
N VAL B 86 4.17 -18.41 -2.31
CA VAL B 86 5.10 -19.24 -3.08
C VAL B 86 6.50 -19.32 -2.44
N THR B 87 6.94 -18.24 -1.80
CA THR B 87 8.24 -18.21 -1.12
C THR B 87 8.36 -19.01 0.19
N LEU B 88 7.25 -19.51 0.73
CA LEU B 88 7.29 -20.26 2.01
C LEU B 88 7.19 -21.79 1.86
N SER B 89 8.09 -22.53 2.52
CA SER B 89 8.05 -24.01 2.52
C SER B 89 6.69 -24.53 2.99
N GLN B 90 6.17 -23.93 4.05
N GLN B 90 6.16 -23.96 4.06
CA GLN B 90 4.87 -24.29 4.64
CA GLN B 90 4.80 -24.28 4.53
C GLN B 90 4.20 -23.03 5.21
C GLN B 90 4.22 -23.11 5.32
N PRO B 91 2.90 -23.10 5.58
CA PRO B 91 2.24 -21.91 6.09
C PRO B 91 2.91 -21.35 7.34
N LYS B 92 3.06 -20.03 7.41
CA LYS B 92 3.63 -19.40 8.62
C LYS B 92 2.52 -18.90 9.55
N ILE B 93 2.69 -19.16 10.84
CA ILE B 93 1.69 -18.76 11.81
C ILE B 93 2.33 -17.70 12.68
N VAL B 94 1.73 -16.52 12.72
CA VAL B 94 2.14 -15.46 13.63
C VAL B 94 1.02 -15.27 14.65
N LYS B 95 1.36 -15.36 15.93
CA LYS B 95 0.36 -15.26 17.00
C LYS B 95 0.04 -13.80 17.31
N TRP B 96 -1.20 -13.52 17.70
CA TRP B 96 -1.56 -12.18 18.17
C TRP B 96 -1.04 -11.93 19.58
N ASP B 97 -0.22 -10.90 19.70
CA ASP B 97 0.32 -10.48 20.98
C ASP B 97 -0.07 -9.03 21.23
N ARG B 98 -0.76 -8.82 22.34
CA ARG B 98 -1.29 -7.51 22.77
C ARG B 98 -0.32 -6.33 22.76
N ASP B 99 0.94 -6.63 23.04
CA ASP B 99 1.96 -5.60 23.22
C ASP B 99 2.84 -5.47 21.98
N MET B 100 2.29 -5.85 20.82
CA MET B 100 3.05 -5.90 19.56
C MET B 100 2.27 -5.37 18.37
N LEU C 1 -9.48 11.14 -11.44
CA LEU C 1 -9.87 10.52 -12.75
C LEU C 1 -8.62 9.91 -13.40
N PRO C 2 -8.74 8.68 -13.93
CA PRO C 2 -7.54 8.07 -14.51
C PRO C 2 -7.19 8.61 -15.91
N PHE C 3 -5.96 8.35 -16.31
CA PHE C 3 -5.50 8.58 -17.69
C PHE C 3 -6.30 7.74 -18.70
N ASP C 4 -6.66 8.38 -19.81
CA ASP C 4 -7.66 7.79 -20.71
C ASP C 4 -7.12 6.95 -21.85
N LYS C 5 -5.84 7.10 -22.18
CA LYS C 5 -5.27 6.31 -23.27
C LYS C 5 -4.50 5.11 -22.71
N SER C 6 -4.73 3.94 -23.29
CA SER C 6 -3.90 2.80 -22.92
C SER C 6 -3.14 2.39 -24.15
N THR C 7 -1.82 2.27 -24.05
CA THR C 7 -1.08 1.79 -25.21
C THR C 7 -0.25 0.55 -24.96
N ILE C 8 -0.49 -0.41 -25.85
CA ILE C 8 0.17 -1.71 -25.81
C ILE C 8 1.69 -1.55 -25.76
N MET C 9 2.31 -2.32 -24.87
CA MET C 9 3.76 -2.27 -24.59
C MET C 9 4.58 -3.15 -25.55
#